data_7C8K
#
_entry.id   7C8K
#
_cell.length_a   1.00
_cell.length_b   1.00
_cell.length_c   1.00
_cell.angle_alpha   90.00
_cell.angle_beta   90.00
_cell.angle_gamma   90.00
#
_symmetry.space_group_name_H-M   'P 1'
#
loop_
_entity.id
_entity.type
_entity.pdbx_description
1 polymer 'Angiotensin-converting enzyme'
2 branched 2-acetamido-2-deoxy-beta-D-glucopyranose-(1-4)-2-acetamido-2-deoxy-beta-D-glucopyranose
3 non-polymer 2-acetamido-2-deoxy-beta-D-glucopyranose
4 non-polymer 'ZINC ION'
#
_entity_poly.entity_id   1
_entity_poly.type   'polypeptide(L)'
_entity_poly.pdbx_seq_one_letter_code
;STTEDEAKKFLDKFNSKAEDLSYESSLASWDYNTNISDENVQKMDEAGAKWSAFYEEQSKLAKNYPLEEIQNDTVKRQLQ
ILQQSGSPVLSEDKSKRLNSILNAMSTIYSTGKVCKPNNPQECLLLEPGLDNIMGTSKDYNERLWAWEGWRAEVGKQLRP
LYEEYVVLKNEMARGYHYEDYGDYWRRDYETEESSGPGYSRDQLMKDVDRIFTEIKPLYEHLHAYVRAKLMDTYPLHISP
TGCLPAHLLGDMWGRFWTNLYPLTVPFGQKPNIDVTDAMLNQGWDANRIFKEAEKFFVSVSLPKMTEGFWNKSMLTEPGD
GRKVVCHPTAWDLGKGDFRIKMCTKVTMEDFLTAHHEMGHIQYDMAYASQPYLLRNGANEGFHEAVGEVMSLSVATPKHL
KTMGLLSPDFREDDETEINFLLKQALNIVGTLPFTYMLEKWRWMVFKGEIPKEEWMKKWWEMKREIVGVVEPVPHDETYC
DPASLFHVANDYSFIRYYTRTIFEFQFHEALCRIAQHNGPLHKCDISNSTDAGKKLHQMLSVGKSQAWTKTLEDIVDSRN
MDVGPLLRYFKPLYTWLQEQNRKSYVGWNTDWSPYA
;
_entity_poly.pdbx_strand_id   A
#
loop_
_chem_comp.id
_chem_comp.type
_chem_comp.name
_chem_comp.formula
NAG D-saccharide, beta linking 2-acetamido-2-deoxy-beta-D-glucopyranose 'C8 H15 N O6'
ZN non-polymer 'ZINC ION' 'Zn 2'
#
# COMPACT_ATOMS: atom_id res chain seq x y z
N SER A 1 28.56 36.16 3.94
CA SER A 1 27.40 35.75 4.74
C SER A 1 27.55 34.32 5.24
N THR A 2 26.67 33.92 6.15
CA THR A 2 26.70 32.57 6.69
C THR A 2 26.16 31.57 5.67
N THR A 3 26.34 30.28 5.97
CA THR A 3 25.88 29.24 5.07
C THR A 3 24.35 29.12 5.08
N GLU A 4 23.71 29.66 6.12
CA GLU A 4 22.25 29.56 6.21
C GLU A 4 21.57 30.37 5.12
N ASP A 5 21.98 31.62 4.94
CA ASP A 5 21.39 32.45 3.89
C ASP A 5 21.73 31.92 2.50
N GLU A 6 22.94 31.40 2.31
CA GLU A 6 23.31 30.82 1.03
C GLU A 6 22.43 29.61 0.71
N ALA A 7 22.23 28.73 1.69
CA ALA A 7 21.36 27.58 1.49
C ALA A 7 19.92 28.00 1.24
N LYS A 8 19.46 29.06 1.92
CA LYS A 8 18.10 29.55 1.70
C LYS A 8 17.92 30.06 0.28
N LYS A 9 18.88 30.85 -0.21
CA LYS A 9 18.80 31.35 -1.58
C LYS A 9 18.89 30.21 -2.59
N PHE A 10 19.77 29.23 -2.33
CA PHE A 10 19.88 28.07 -3.22
C PHE A 10 18.57 27.30 -3.27
N LEU A 11 17.93 27.09 -2.12
CA LEU A 11 16.66 26.39 -2.09
C LEU A 11 15.55 27.18 -2.76
N ASP A 12 15.58 28.51 -2.63
CA ASP A 12 14.60 29.33 -3.31
C ASP A 12 14.73 29.19 -4.83
N LYS A 13 15.96 29.27 -5.33
CA LYS A 13 16.18 29.10 -6.77
C LYS A 13 15.78 27.70 -7.23
N PHE A 14 16.17 26.68 -6.45
CA PHE A 14 15.83 25.30 -6.80
C PHE A 14 14.32 25.10 -6.85
N ASN A 15 13.59 25.69 -5.91
CA ASN A 15 12.14 25.57 -5.90
C ASN A 15 11.52 26.32 -7.07
N SER A 16 12.01 27.52 -7.36
CA SER A 16 11.45 28.30 -8.47
C SER A 16 11.65 27.57 -9.80
N LYS A 17 12.76 26.84 -9.94
CA LYS A 17 12.96 26.05 -11.16
C LYS A 17 12.18 24.75 -11.15
N ALA A 18 12.21 24.01 -10.04
CA ALA A 18 11.56 22.71 -9.96
C ALA A 18 10.05 22.81 -10.05
N GLU A 19 9.46 23.94 -9.65
CA GLU A 19 8.03 24.12 -9.83
C GLU A 19 7.63 23.96 -11.30
N ASP A 20 8.24 24.78 -12.16
CA ASP A 20 7.93 24.71 -13.58
C ASP A 20 8.38 23.39 -14.19
N LEU A 21 9.53 22.87 -13.75
CA LEU A 21 10.02 21.62 -14.32
C LEU A 21 9.09 20.46 -14.01
N SER A 22 8.69 20.31 -12.75
CA SER A 22 7.75 19.26 -12.37
C SER A 22 6.37 19.50 -12.98
N TYR A 23 5.98 20.76 -13.18
CA TYR A 23 4.71 21.04 -13.87
C TYR A 23 4.76 20.50 -15.30
N GLU A 24 5.83 20.78 -16.01
CA GLU A 24 5.97 20.27 -17.38
C GLU A 24 6.03 18.75 -17.40
N SER A 25 6.75 18.15 -16.45
CA SER A 25 6.87 16.70 -16.40
C SER A 25 5.51 16.06 -16.11
N SER A 26 4.73 16.66 -15.20
CA SER A 26 3.42 16.12 -14.88
C SER A 26 2.46 16.27 -16.05
N LEU A 27 2.52 17.41 -16.76
CA LEU A 27 1.71 17.57 -17.95
C LEU A 27 2.06 16.53 -19.01
N ALA A 28 3.35 16.25 -19.19
CA ALA A 28 3.76 15.24 -20.16
C ALA A 28 3.28 13.85 -19.75
N SER A 29 3.44 13.49 -18.47
CA SER A 29 3.00 12.17 -18.02
C SER A 29 1.49 12.03 -18.11
N TRP A 30 0.75 13.11 -17.86
CA TRP A 30 -0.71 13.05 -17.97
C TRP A 30 -1.14 12.94 -19.43
N ASP A 31 -0.45 13.64 -20.34
CA ASP A 31 -0.77 13.52 -21.75
C ASP A 31 -0.44 12.12 -22.26
N TYR A 32 0.60 11.49 -21.69
CA TYR A 32 0.92 10.11 -22.08
C TYR A 32 -0.13 9.14 -21.54
N ASN A 33 -0.49 9.26 -20.26
CA ASN A 33 -1.43 8.32 -19.66
C ASN A 33 -2.83 8.46 -20.22
N THR A 34 -3.23 9.68 -20.60
CA THR A 34 -4.55 9.92 -21.16
C THR A 34 -4.58 9.86 -22.67
N ASN A 35 -3.42 9.77 -23.33
CA ASN A 35 -3.36 9.69 -24.79
C ASN A 35 -2.13 8.84 -25.15
N ILE A 36 -2.35 7.55 -25.36
CA ILE A 36 -1.27 6.62 -25.67
C ILE A 36 -0.94 6.73 -27.16
N SER A 37 0.28 7.11 -27.46
CA SER A 37 0.75 7.22 -28.84
C SER A 37 2.25 6.94 -28.85
N ASP A 38 2.92 7.30 -29.95
CA ASP A 38 4.36 7.12 -30.08
C ASP A 38 5.16 8.38 -29.78
N GLU A 39 4.61 9.56 -30.06
CA GLU A 39 5.32 10.79 -29.75
C GLU A 39 5.14 11.22 -28.30
N ASN A 40 4.01 10.87 -27.69
CA ASN A 40 3.79 11.20 -26.28
C ASN A 40 4.79 10.46 -25.39
N VAL A 41 5.12 9.22 -25.73
CA VAL A 41 6.12 8.48 -24.98
C VAL A 41 7.48 9.19 -25.06
N GLN A 42 7.85 9.65 -26.26
CA GLN A 42 9.12 10.35 -26.42
C GLN A 42 9.13 11.65 -25.63
N LYS A 43 8.01 12.39 -25.66
CA LYS A 43 7.93 13.63 -24.88
C LYS A 43 8.06 13.36 -23.40
N MET A 44 7.39 12.31 -22.90
CA MET A 44 7.51 11.98 -21.48
C MET A 44 8.92 11.55 -21.12
N ASP A 45 9.59 10.81 -22.02
CA ASP A 45 10.97 10.42 -21.75
C ASP A 45 11.88 11.63 -21.70
N GLU A 46 11.71 12.57 -22.62
CA GLU A 46 12.53 13.79 -22.60
C GLU A 46 12.28 14.58 -21.32
N ALA A 47 11.01 14.73 -20.93
CA ALA A 47 10.70 15.47 -19.71
C ALA A 47 11.29 14.78 -18.47
N GLY A 48 11.18 13.46 -18.40
CA GLY A 48 11.75 12.74 -17.27
C GLY A 48 13.26 12.83 -17.22
N ALA A 49 13.91 12.76 -18.38
CA ALA A 49 15.37 12.90 -18.43
C ALA A 49 15.79 14.30 -17.99
N LYS A 50 15.09 15.33 -18.44
CA LYS A 50 15.40 16.70 -18.02
C LYS A 50 15.22 16.86 -16.51
N TRP A 51 14.10 16.33 -15.99
CA TRP A 51 13.86 16.44 -14.55
C TRP A 51 14.91 15.69 -13.75
N SER A 52 15.31 14.51 -14.21
CA SER A 52 16.33 13.74 -13.50
C SER A 52 17.67 14.44 -13.53
N ALA A 53 18.04 15.02 -14.69
CA ALA A 53 19.29 15.76 -14.78
C ALA A 53 19.29 16.97 -13.85
N PHE A 54 18.17 17.70 -13.81
CA PHE A 54 18.07 18.84 -12.91
C PHE A 54 18.16 18.41 -11.46
N TYR A 55 17.49 17.31 -11.10
CA TYR A 55 17.54 16.81 -9.73
C TYR A 55 18.97 16.42 -9.35
N GLU A 56 19.68 15.74 -10.25
CA GLU A 56 21.05 15.33 -9.95
C GLU A 56 21.97 16.54 -9.81
N GLU A 57 21.79 17.54 -10.69
CA GLU A 57 22.61 18.75 -10.59
C GLU A 57 22.35 19.48 -9.28
N GLN A 58 21.08 19.59 -8.88
CA GLN A 58 20.77 20.25 -7.62
C GLN A 58 21.30 19.46 -6.43
N SER A 59 21.28 18.13 -6.51
CA SER A 59 21.87 17.32 -5.44
C SER A 59 23.38 17.54 -5.35
N LYS A 60 24.05 17.64 -6.49
CA LYS A 60 25.48 17.90 -6.48
C LYS A 60 25.79 19.27 -5.89
N LEU A 61 25.01 20.28 -6.26
CA LEU A 61 25.25 21.63 -5.73
C LEU A 61 24.80 21.75 -4.27
N ALA A 62 23.97 20.83 -3.79
CA ALA A 62 23.56 20.89 -2.39
C ALA A 62 24.44 20.04 -1.49
N LYS A 63 25.17 19.08 -2.05
CA LYS A 63 26.01 18.20 -1.26
C LYS A 63 27.07 18.97 -0.48
N ASN A 64 27.57 20.07 -1.04
CA ASN A 64 28.63 20.83 -0.38
C ASN A 64 28.12 21.70 0.76
N TYR A 65 26.83 21.62 1.11
CA TYR A 65 26.28 22.41 2.19
C TYR A 65 26.28 21.61 3.48
N PRO A 66 26.89 22.14 4.55
CA PRO A 66 26.93 21.41 5.83
C PRO A 66 25.59 21.53 6.55
N LEU A 67 25.14 20.41 7.12
CA LEU A 67 23.87 20.41 7.84
C LEU A 67 24.06 20.69 9.32
N GLU A 68 25.28 20.57 9.83
CA GLU A 68 25.52 20.76 11.25
C GLU A 68 25.46 22.24 11.64
N GLU A 69 26.03 23.11 10.80
CA GLU A 69 26.05 24.53 11.12
C GLU A 69 24.68 25.16 10.99
N ILE A 70 23.78 24.56 10.22
CA ILE A 70 22.44 25.10 10.04
C ILE A 70 21.56 24.71 11.23
N GLN A 71 20.80 25.66 11.74
CA GLN A 71 19.96 25.44 12.91
C GLN A 71 18.47 25.35 12.59
N ASN A 72 18.02 25.96 11.49
CA ASN A 72 16.61 25.92 11.15
C ASN A 72 16.18 24.50 10.76
N ASP A 73 14.89 24.21 10.94
CA ASP A 73 14.39 22.86 10.73
C ASP A 73 13.95 22.66 9.28
N THR A 74 13.25 23.64 8.70
CA THR A 74 12.70 23.49 7.36
C THR A 74 13.81 23.31 6.32
N VAL A 75 14.79 24.22 6.32
CA VAL A 75 15.88 24.15 5.36
C VAL A 75 16.71 22.88 5.58
N LYS A 76 16.89 22.48 6.84
CA LYS A 76 17.65 21.26 7.12
C LYS A 76 16.95 20.04 6.54
N ARG A 77 15.64 19.91 6.79
CA ARG A 77 14.90 18.78 6.25
C ARG A 77 14.87 18.82 4.72
N GLN A 78 14.82 20.02 4.13
CA GLN A 78 14.80 20.14 2.69
C GLN A 78 16.10 19.67 2.08
N LEU A 79 17.24 20.12 2.62
CA LEU A 79 18.53 19.64 2.12
C LEU A 79 18.70 18.15 2.38
N GLN A 80 18.14 17.65 3.49
CA GLN A 80 18.24 16.22 3.79
C GLN A 80 17.50 15.39 2.75
N ILE A 81 16.26 15.78 2.42
CA ILE A 81 15.50 15.01 1.43
C ILE A 81 16.05 15.25 0.03
N LEU A 82 16.72 16.37 -0.19
CA LEU A 82 17.29 16.64 -1.52
C LEU A 82 18.56 15.83 -1.76
N GLN A 83 19.38 15.64 -0.72
CA GLN A 83 20.66 14.97 -0.87
C GLN A 83 20.52 13.47 -1.12
N GLN A 84 19.33 12.90 -1.00
CA GLN A 84 19.12 11.46 -1.17
C GLN A 84 18.62 11.13 -2.57
N SER A 85 19.48 11.27 -3.57
CA SER A 85 19.12 10.92 -4.95
C SER A 85 19.27 9.42 -5.19
N GLY A 86 20.49 8.92 -5.06
CA GLY A 86 20.74 7.50 -5.20
C GLY A 86 21.61 7.11 -6.37
N SER A 87 21.50 7.83 -7.48
CA SER A 87 22.20 7.45 -8.71
C SER A 87 23.66 7.88 -8.76
N PRO A 88 24.02 9.14 -8.45
CA PRO A 88 25.38 9.59 -8.77
C PRO A 88 26.38 9.31 -7.65
N VAL A 89 26.66 8.04 -7.38
CA VAL A 89 27.60 7.66 -6.34
C VAL A 89 28.58 6.64 -6.89
N LEU A 90 28.24 6.02 -8.03
CA LEU A 90 29.06 4.95 -8.58
C LEU A 90 29.53 5.35 -9.97
N SER A 91 30.36 4.48 -10.55
CA SER A 91 30.86 4.68 -11.90
C SER A 91 29.77 4.37 -12.92
N GLU A 92 30.15 4.41 -14.20
CA GLU A 92 29.18 4.21 -15.27
C GLU A 92 28.92 2.72 -15.53
N ASP A 93 29.92 1.86 -15.34
CA ASP A 93 29.75 0.45 -15.65
C ASP A 93 28.74 -0.20 -14.70
N LYS A 94 28.92 -0.01 -13.39
CA LYS A 94 28.00 -0.58 -12.43
C LYS A 94 26.61 0.04 -12.54
N SER A 95 26.55 1.33 -12.86
CA SER A 95 25.25 1.98 -13.04
C SER A 95 24.49 1.40 -14.22
N LYS A 96 25.16 1.25 -15.36
CA LYS A 96 24.50 0.66 -16.53
C LYS A 96 24.14 -0.80 -16.28
N ARG A 97 24.98 -1.53 -15.54
CA ARG A 97 24.66 -2.91 -15.21
C ARG A 97 23.41 -2.99 -14.34
N LEU A 98 23.31 -2.12 -13.33
CA LEU A 98 22.14 -2.12 -12.47
C LEU A 98 20.88 -1.73 -13.24
N ASN A 99 21.01 -0.74 -14.14
CA ASN A 99 19.86 -0.33 -14.94
C ASN A 99 19.41 -1.46 -15.87
N SER A 100 20.36 -2.17 -16.48
CA SER A 100 20.01 -3.28 -17.35
C SER A 100 19.36 -4.41 -16.57
N ILE A 101 19.86 -4.68 -15.35
CA ILE A 101 19.26 -5.72 -14.52
C ILE A 101 17.83 -5.33 -14.14
N LEU A 102 17.61 -4.08 -13.77
CA LEU A 102 16.26 -3.63 -13.42
C LEU A 102 15.32 -3.74 -14.61
N ASN A 103 15.78 -3.31 -15.79
CA ASN A 103 14.95 -3.41 -16.99
C ASN A 103 14.65 -4.86 -17.34
N ALA A 104 15.62 -5.75 -17.18
CA ALA A 104 15.40 -7.16 -17.49
C ALA A 104 14.41 -7.78 -16.51
N MET A 105 14.52 -7.44 -15.23
CA MET A 105 13.56 -7.96 -14.24
C MET A 105 12.16 -7.44 -14.54
N SER A 106 12.03 -6.16 -14.88
CA SER A 106 10.72 -5.60 -15.21
C SER A 106 10.14 -6.28 -16.44
N THR A 107 10.96 -6.51 -17.48
CA THR A 107 10.47 -7.15 -18.68
C THR A 107 10.07 -8.60 -18.42
N ILE A 108 10.85 -9.30 -17.59
CA ILE A 108 10.52 -10.69 -17.26
C ILE A 108 9.20 -10.76 -16.49
N TYR A 109 8.99 -9.82 -15.57
CA TYR A 109 7.75 -9.82 -14.80
C TYR A 109 6.56 -9.43 -15.68
N SER A 110 6.78 -8.53 -16.65
CA SER A 110 5.69 -8.08 -17.50
C SER A 110 5.30 -9.15 -18.53
N THR A 111 6.28 -9.82 -19.13
CA THR A 111 6.03 -10.82 -20.16
C THR A 111 6.06 -12.24 -19.62
N GLY A 112 6.02 -12.42 -18.30
CA GLY A 112 6.01 -13.76 -17.75
C GLY A 112 4.70 -14.48 -18.03
N LYS A 113 4.81 -15.76 -18.35
CA LYS A 113 3.64 -16.57 -18.65
C LYS A 113 3.91 -18.00 -18.24
N VAL A 114 2.82 -18.76 -18.07
CA VAL A 114 2.89 -20.17 -17.69
C VAL A 114 2.22 -20.99 -18.77
N CYS A 115 2.90 -22.03 -19.24
CA CYS A 115 2.35 -22.91 -20.27
C CYS A 115 1.88 -24.21 -19.64
N LYS A 116 0.63 -24.58 -19.91
CA LYS A 116 0.08 -25.81 -19.38
C LYS A 116 0.79 -27.02 -20.00
N PRO A 117 0.88 -28.13 -19.27
CA PRO A 117 1.59 -29.30 -19.80
C PRO A 117 0.88 -29.86 -21.03
N ASN A 118 1.67 -30.50 -21.89
CA ASN A 118 1.18 -31.12 -23.13
C ASN A 118 0.57 -30.09 -24.08
N ASN A 119 0.83 -28.81 -23.83
CA ASN A 119 0.31 -27.72 -24.65
C ASN A 119 1.34 -26.60 -24.68
N PRO A 120 2.37 -26.70 -25.54
CA PRO A 120 3.40 -25.66 -25.57
C PRO A 120 2.95 -24.34 -26.15
N GLN A 121 1.80 -24.29 -26.82
CA GLN A 121 1.32 -23.05 -27.42
C GLN A 121 0.25 -22.34 -26.61
N GLU A 122 -0.48 -23.06 -25.75
CA GLU A 122 -1.52 -22.46 -24.92
C GLU A 122 -0.88 -22.00 -23.61
N CYS A 123 -0.16 -20.89 -23.69
CA CYS A 123 0.49 -20.27 -22.54
C CYS A 123 -0.32 -19.06 -22.10
N LEU A 124 -0.62 -18.99 -20.80
CA LEU A 124 -1.44 -17.93 -20.24
C LEU A 124 -0.55 -16.97 -19.45
N LEU A 125 -0.82 -15.67 -19.60
CA LEU A 125 -0.08 -14.65 -18.90
C LEU A 125 -0.58 -14.49 -17.46
N LEU A 126 0.07 -13.60 -16.73
CA LEU A 126 -0.32 -13.35 -15.34
C LEU A 126 -1.65 -12.62 -15.27
N GLU A 127 -1.73 -11.45 -15.90
CA GLU A 127 -2.95 -10.65 -15.88
C GLU A 127 -3.66 -10.73 -17.22
N PRO A 128 -4.98 -11.00 -17.24
CA PRO A 128 -5.79 -11.26 -16.06
C PRO A 128 -6.03 -12.75 -15.82
N GLY A 129 -5.35 -13.60 -16.60
CA GLY A 129 -5.57 -15.03 -16.53
C GLY A 129 -5.19 -15.68 -15.21
N LEU A 130 -3.92 -15.57 -14.82
CA LEU A 130 -3.46 -16.20 -13.60
C LEU A 130 -4.14 -15.58 -12.37
N ASP A 131 -4.38 -14.27 -12.40
CA ASP A 131 -5.07 -13.62 -11.29
C ASP A 131 -6.48 -14.16 -11.13
N ASN A 132 -7.22 -14.26 -12.23
CA ASN A 132 -8.56 -14.82 -12.17
C ASN A 132 -8.55 -16.28 -11.72
N ILE A 133 -7.55 -17.04 -12.17
CA ILE A 133 -7.46 -18.45 -11.79
C ILE A 133 -7.23 -18.57 -10.28
N MET A 134 -6.30 -17.77 -9.75
CA MET A 134 -5.98 -17.85 -8.33
C MET A 134 -7.06 -17.20 -7.46
N GLY A 135 -7.91 -16.37 -8.03
CA GLY A 135 -8.92 -15.70 -7.23
C GLY A 135 -10.31 -16.31 -7.29
N THR A 136 -10.60 -17.09 -8.33
CA THR A 136 -11.92 -17.66 -8.50
C THR A 136 -11.96 -19.19 -8.47
N SER A 137 -10.91 -19.86 -8.97
CA SER A 137 -10.93 -21.32 -9.00
C SER A 137 -10.74 -21.89 -7.60
N LYS A 138 -11.53 -22.91 -7.28
CA LYS A 138 -11.47 -23.58 -5.98
C LYS A 138 -10.89 -24.99 -6.10
N ASP A 139 -10.02 -25.20 -7.09
CA ASP A 139 -9.39 -26.49 -7.32
C ASP A 139 -7.98 -26.48 -6.73
N TYR A 140 -7.57 -27.65 -6.21
CA TYR A 140 -6.24 -27.76 -5.61
C TYR A 140 -5.17 -27.96 -6.68
N ASN A 141 -5.41 -28.90 -7.61
CA ASN A 141 -4.39 -29.22 -8.61
C ASN A 141 -4.14 -28.05 -9.55
N GLU A 142 -5.19 -27.35 -9.97
CA GLU A 142 -5.02 -26.23 -10.89
C GLU A 142 -4.23 -25.10 -10.25
N ARG A 143 -4.61 -24.72 -9.03
CA ARG A 143 -3.89 -23.65 -8.33
C ARG A 143 -2.45 -24.05 -8.04
N LEU A 144 -2.23 -25.31 -7.67
CA LEU A 144 -0.88 -25.79 -7.41
C LEU A 144 -0.02 -25.72 -8.67
N TRP A 145 -0.58 -26.16 -9.81
CA TRP A 145 0.15 -26.11 -11.07
C TRP A 145 0.46 -24.67 -11.46
N ALA A 146 -0.52 -23.77 -11.30
CA ALA A 146 -0.30 -22.37 -11.65
C ALA A 146 0.79 -21.77 -10.78
N TRP A 147 0.75 -22.03 -9.48
CA TRP A 147 1.76 -21.49 -8.56
C TRP A 147 3.15 -22.03 -8.90
N GLU A 148 3.24 -23.35 -9.12
CA GLU A 148 4.54 -23.95 -9.44
C GLU A 148 5.09 -23.41 -10.75
N GLY A 149 4.24 -23.26 -11.76
CA GLY A 149 4.69 -22.71 -13.03
C GLY A 149 5.14 -21.27 -12.92
N TRP A 150 4.38 -20.43 -12.21
CA TRP A 150 4.77 -19.05 -12.02
C TRP A 150 6.10 -18.95 -11.28
N ARG A 151 6.28 -19.77 -10.24
CA ARG A 151 7.54 -19.77 -9.50
C ARG A 151 8.70 -20.18 -10.40
N ALA A 152 8.58 -21.35 -11.05
CA ALA A 152 9.65 -21.86 -11.90
C ALA A 152 9.91 -20.95 -13.11
N GLU A 153 8.98 -20.08 -13.47
CA GLU A 153 9.18 -19.16 -14.58
C GLU A 153 9.79 -17.83 -14.15
N VAL A 154 9.45 -17.35 -12.95
CA VAL A 154 9.93 -16.06 -12.48
C VAL A 154 11.19 -16.18 -11.64
N GLY A 155 11.14 -16.95 -10.55
CA GLY A 155 12.27 -17.01 -9.64
C GLY A 155 13.50 -17.68 -10.24
N LYS A 156 13.29 -18.76 -11.00
CA LYS A 156 14.42 -19.47 -11.59
C LYS A 156 15.20 -18.57 -12.55
N GLN A 157 14.54 -17.58 -13.16
CA GLN A 157 15.23 -16.67 -14.06
C GLN A 157 15.70 -15.40 -13.35
N LEU A 158 15.05 -15.04 -12.24
CA LEU A 158 15.40 -13.80 -11.56
C LEU A 158 16.42 -14.00 -10.43
N ARG A 159 16.74 -15.24 -10.07
CA ARG A 159 17.66 -15.50 -8.98
C ARG A 159 19.03 -14.84 -9.20
N PRO A 160 19.71 -15.07 -10.33
CA PRO A 160 21.00 -14.37 -10.50
C PRO A 160 20.84 -12.88 -10.71
N LEU A 161 19.78 -12.47 -11.42
CA LEU A 161 19.51 -11.03 -11.56
C LEU A 161 19.27 -10.39 -10.21
N TYR A 162 18.50 -11.03 -9.34
CA TYR A 162 18.27 -10.49 -8.01
C TYR A 162 19.55 -10.51 -7.17
N GLU A 163 20.41 -11.50 -7.37
CA GLU A 163 21.69 -11.53 -6.67
C GLU A 163 22.54 -10.32 -7.04
N GLU A 164 22.74 -10.10 -8.34
CA GLU A 164 23.50 -8.92 -8.76
C GLU A 164 22.81 -7.62 -8.34
N TYR A 165 21.47 -7.60 -8.34
CA TYR A 165 20.75 -6.40 -7.92
C TYR A 165 20.99 -6.09 -6.45
N VAL A 166 20.89 -7.10 -5.58
CA VAL A 166 21.09 -6.87 -4.16
C VAL A 166 22.55 -6.53 -3.87
N VAL A 167 23.47 -7.10 -4.65
CA VAL A 167 24.88 -6.77 -4.48
C VAL A 167 25.12 -5.30 -4.82
N LEU A 168 24.61 -4.85 -5.96
CA LEU A 168 24.77 -3.46 -6.36
C LEU A 168 24.07 -2.51 -5.40
N LYS A 169 22.91 -2.91 -4.88
CA LYS A 169 22.19 -2.05 -3.94
C LYS A 169 22.93 -1.92 -2.63
N ASN A 170 23.47 -3.03 -2.10
CA ASN A 170 24.25 -2.96 -0.87
C ASN A 170 25.52 -2.14 -1.08
N GLU A 171 26.15 -2.25 -2.26
CA GLU A 171 27.35 -1.48 -2.55
C GLU A 171 27.02 0.02 -2.62
N MET A 172 25.89 0.36 -3.25
CA MET A 172 25.48 1.76 -3.31
C MET A 172 25.14 2.29 -1.93
N ALA A 173 24.48 1.48 -1.10
CA ALA A 173 24.17 1.91 0.25
C ALA A 173 25.43 2.14 1.08
N ARG A 174 26.42 1.25 0.93
CA ARG A 174 27.71 1.48 1.59
C ARG A 174 28.39 2.73 1.07
N GLY A 175 28.21 3.04 -0.22
CA GLY A 175 28.72 4.27 -0.78
C GLY A 175 28.05 5.52 -0.24
N TYR A 176 26.76 5.43 0.10
CA TYR A 176 26.02 6.55 0.66
C TYR A 176 26.12 6.63 2.18
N HIS A 177 27.16 6.06 2.77
CA HIS A 177 27.38 6.09 4.22
C HIS A 177 26.19 5.48 4.97
N TYR A 178 25.58 4.45 4.36
CA TYR A 178 24.48 3.72 4.97
C TYR A 178 24.91 2.29 5.26
N GLU A 179 24.23 1.65 6.20
CA GLU A 179 24.58 0.28 6.56
C GLU A 179 24.29 -0.68 5.42
N ASP A 180 23.04 -0.76 4.99
CA ASP A 180 22.62 -1.65 3.91
C ASP A 180 21.45 -0.98 3.19
N TYR A 181 20.88 -1.68 2.20
CA TYR A 181 19.75 -1.13 1.48
C TYR A 181 18.50 -1.06 2.36
N GLY A 182 18.39 -1.97 3.33
CA GLY A 182 17.30 -1.85 4.29
C GLY A 182 17.37 -0.56 5.08
N ASP A 183 18.58 -0.11 5.41
CA ASP A 183 18.74 1.19 6.05
C ASP A 183 18.34 2.33 5.10
N TYR A 184 18.68 2.21 3.82
CA TYR A 184 18.29 3.22 2.84
C TYR A 184 16.78 3.30 2.71
N TRP A 185 16.09 2.18 2.89
CA TRP A 185 14.63 2.18 2.84
C TRP A 185 14.03 2.74 4.13
N ARG A 186 14.60 2.35 5.27
CA ARG A 186 14.09 2.80 6.56
C ARG A 186 14.44 4.25 6.87
N ARG A 187 15.33 4.87 6.10
CA ARG A 187 15.69 6.26 6.31
C ARG A 187 14.48 7.20 6.19
N ASP A 188 13.40 6.72 5.59
CA ASP A 188 12.19 7.53 5.44
C ASP A 188 11.51 7.80 6.78
N TYR A 189 11.57 6.87 7.71
CA TYR A 189 10.96 7.03 9.02
C TYR A 189 11.86 7.72 10.03
N GLU A 190 13.12 7.96 9.69
CA GLU A 190 14.06 8.60 10.60
C GLU A 190 13.87 10.11 10.56
N THR A 191 13.50 10.69 11.72
CA THR A 191 13.32 12.13 11.87
C THR A 191 14.21 12.58 13.03
N GLU A 192 15.46 12.91 12.71
CA GLU A 192 16.42 13.36 13.71
C GLU A 192 16.40 14.88 13.86
N GLU A 193 15.21 15.44 14.08
CA GLU A 193 15.05 16.87 14.28
C GLU A 193 14.16 17.24 15.45
N SER A 194 13.29 16.35 15.92
CA SER A 194 12.41 16.68 17.04
C SER A 194 13.21 16.69 18.34
N SER A 195 13.02 17.75 19.13
CA SER A 195 13.71 17.87 20.41
C SER A 195 13.08 16.96 21.45
N GLY A 196 13.70 15.80 21.68
CA GLY A 196 13.19 14.84 22.64
C GLY A 196 13.11 13.44 22.06
N PRO A 197 11.90 12.89 21.95
CA PRO A 197 11.75 11.53 21.42
C PRO A 197 11.99 11.46 19.92
N GLY A 198 13.27 11.44 19.53
CA GLY A 198 13.63 11.36 18.13
C GLY A 198 13.60 9.92 17.64
N TYR A 199 12.87 9.69 16.54
CA TYR A 199 12.74 8.36 15.99
C TYR A 199 13.99 7.99 15.19
N SER A 200 14.44 6.76 15.34
CA SER A 200 15.61 6.24 14.65
C SER A 200 15.21 5.09 13.74
N ARG A 201 16.14 4.71 12.87
CA ARG A 201 15.88 3.61 11.94
C ARG A 201 15.88 2.26 12.62
N ASP A 202 16.51 2.14 13.79
CA ASP A 202 16.50 0.87 14.52
C ASP A 202 15.24 0.70 15.36
N GLN A 203 14.62 1.81 15.78
CA GLN A 203 13.40 1.72 16.56
C GLN A 203 12.21 1.26 15.72
N LEU A 204 12.27 1.47 14.40
CA LEU A 204 11.17 1.06 13.54
C LEU A 204 10.99 -0.45 13.55
N MET A 205 12.10 -1.19 13.45
CA MET A 205 12.02 -2.65 13.47
C MET A 205 11.48 -3.16 14.80
N LYS A 206 11.90 -2.54 15.91
CA LYS A 206 11.40 -2.94 17.22
C LYS A 206 9.92 -2.67 17.35
N ASP A 207 9.47 -1.50 16.88
CA ASP A 207 8.05 -1.18 16.94
C ASP A 207 7.22 -2.12 16.07
N VAL A 208 7.75 -2.48 14.90
CA VAL A 208 7.02 -3.41 14.03
C VAL A 208 6.95 -4.79 14.67
N ASP A 209 8.04 -5.25 15.30
CA ASP A 209 8.02 -6.53 15.99
C ASP A 209 7.02 -6.51 17.15
N ARG A 210 6.97 -5.40 17.89
CA ARG A 210 6.04 -5.31 19.01
C ARG A 210 4.59 -5.32 18.53
N ILE A 211 4.29 -4.56 17.48
CA ILE A 211 2.91 -4.53 16.99
C ILE A 211 2.54 -5.87 16.37
N PHE A 212 3.50 -6.58 15.78
CA PHE A 212 3.20 -7.92 15.27
C PHE A 212 2.92 -8.89 16.40
N THR A 213 3.71 -8.83 17.48
CA THR A 213 3.46 -9.68 18.64
C THR A 213 2.11 -9.37 19.29
N GLU A 214 1.69 -8.11 19.25
CA GLU A 214 0.39 -7.74 19.78
C GLU A 214 -0.76 -8.16 18.86
N ILE A 215 -0.53 -8.19 17.54
CA ILE A 215 -1.56 -8.64 16.62
C ILE A 215 -1.68 -10.17 16.65
N LYS A 216 -0.59 -10.87 16.97
CA LYS A 216 -0.48 -12.32 16.94
C LYS A 216 -1.70 -13.08 17.45
N PRO A 217 -2.31 -12.71 18.59
CA PRO A 217 -3.51 -13.46 19.03
C PRO A 217 -4.68 -13.36 18.06
N LEU A 218 -5.04 -12.15 17.63
CA LEU A 218 -6.16 -11.97 16.72
C LEU A 218 -5.88 -12.63 15.37
N TYR A 219 -4.67 -12.46 14.85
CA TYR A 219 -4.32 -13.09 13.58
C TYR A 219 -4.32 -14.60 13.69
N GLU A 220 -3.89 -15.14 14.83
CA GLU A 220 -3.90 -16.59 15.02
C GLU A 220 -5.32 -17.12 15.09
N HIS A 221 -6.21 -16.41 15.78
CA HIS A 221 -7.62 -16.81 15.80
C HIS A 221 -8.23 -16.76 14.40
N LEU A 222 -7.94 -15.71 13.65
CA LEU A 222 -8.46 -15.61 12.29
C LEU A 222 -7.93 -16.71 11.40
N HIS A 223 -6.64 -17.04 11.53
CA HIS A 223 -6.05 -18.11 10.74
C HIS A 223 -6.67 -19.46 11.09
N ALA A 224 -6.90 -19.70 12.39
CA ALA A 224 -7.54 -20.94 12.81
C ALA A 224 -8.95 -21.04 12.25
N TYR A 225 -9.69 -19.93 12.26
CA TYR A 225 -11.04 -19.95 11.72
C TYR A 225 -11.04 -20.21 10.22
N VAL A 226 -10.12 -19.56 9.49
CA VAL A 226 -10.03 -19.77 8.05
C VAL A 226 -9.65 -21.21 7.73
N ARG A 227 -8.74 -21.78 8.53
CA ARG A 227 -8.36 -23.17 8.31
C ARG A 227 -9.53 -24.11 8.58
N ALA A 228 -10.28 -23.87 9.65
CA ALA A 228 -11.43 -24.71 9.97
C ALA A 228 -12.51 -24.59 8.90
N LYS A 229 -12.65 -23.40 8.30
CA LYS A 229 -13.64 -23.23 7.25
C LYS A 229 -13.19 -23.89 5.95
N LEU A 230 -11.90 -23.78 5.62
CA LEU A 230 -11.40 -24.39 4.39
C LEU A 230 -11.24 -25.91 4.52
N MET A 231 -11.27 -26.44 5.75
CA MET A 231 -11.17 -27.88 5.92
C MET A 231 -12.37 -28.62 5.32
N ASP A 232 -13.49 -27.92 5.10
CA ASP A 232 -14.64 -28.56 4.50
C ASP A 232 -14.45 -28.78 3.00
N THR A 233 -13.83 -27.82 2.31
CA THR A 233 -13.54 -27.95 0.89
C THR A 233 -12.24 -28.69 0.61
N TYR A 234 -11.36 -28.83 1.60
CA TYR A 234 -10.10 -29.55 1.46
C TYR A 234 -10.03 -30.58 2.59
N PRO A 235 -10.66 -31.74 2.40
CA PRO A 235 -10.66 -32.73 3.49
C PRO A 235 -9.33 -33.42 3.69
N LEU A 236 -8.52 -33.57 2.64
CA LEU A 236 -7.24 -34.26 2.75
C LEU A 236 -6.06 -33.40 2.33
N HIS A 237 -6.26 -32.09 2.18
CA HIS A 237 -5.18 -31.19 1.78
C HIS A 237 -4.79 -30.20 2.87
N ILE A 238 -5.57 -30.11 3.95
CA ILE A 238 -5.29 -29.19 5.05
C ILE A 238 -5.42 -29.94 6.37
N SER A 239 -4.35 -29.89 7.16
CA SER A 239 -4.39 -30.53 8.48
C SER A 239 -4.95 -29.57 9.51
N PRO A 240 -5.68 -30.06 10.52
CA PRO A 240 -6.32 -29.14 11.48
C PRO A 240 -5.34 -28.45 12.41
N THR A 241 -4.16 -29.00 12.64
CA THR A 241 -3.20 -28.44 13.57
C THR A 241 -1.91 -27.97 12.90
N GLY A 242 -1.86 -27.96 11.58
CA GLY A 242 -0.69 -27.55 10.84
C GLY A 242 -0.87 -26.22 10.12
N CYS A 243 0.09 -25.94 9.25
CA CYS A 243 0.08 -24.71 8.48
C CYS A 243 -0.90 -24.84 7.30
N LEU A 244 -1.03 -23.74 6.55
CA LEU A 244 -1.92 -23.69 5.40
C LEU A 244 -1.12 -23.66 4.10
N PRO A 245 -1.64 -24.25 3.02
CA PRO A 245 -0.94 -24.18 1.74
C PRO A 245 -0.85 -22.74 1.23
N ALA A 246 0.26 -22.43 0.58
CA ALA A 246 0.48 -21.06 0.11
C ALA A 246 -0.37 -20.75 -1.12
N HIS A 247 -0.63 -21.74 -1.97
CA HIS A 247 -1.39 -21.54 -3.19
C HIS A 247 -2.90 -21.54 -2.97
N LEU A 248 -3.35 -21.50 -1.71
CA LEU A 248 -4.77 -21.49 -1.39
C LEU A 248 -5.13 -20.31 -0.48
N LEU A 249 -4.53 -19.14 -0.74
CA LEU A 249 -4.77 -17.96 0.09
C LEU A 249 -5.58 -16.89 -0.64
N GLY A 250 -6.08 -17.20 -1.84
CA GLY A 250 -6.91 -16.28 -2.59
C GLY A 250 -6.22 -15.65 -3.79
N ASP A 251 -4.91 -15.72 -3.87
CA ASP A 251 -4.17 -15.15 -4.98
C ASP A 251 -2.87 -15.94 -5.15
N MET A 252 -1.96 -15.41 -5.98
CA MET A 252 -0.72 -16.11 -6.29
C MET A 252 0.27 -16.10 -5.13
N TRP A 253 0.33 -15.01 -4.37
CA TRP A 253 1.31 -14.88 -3.30
C TRP A 253 0.72 -14.96 -1.90
N GLY A 254 -0.57 -14.66 -1.74
CA GLY A 254 -1.19 -14.65 -0.43
C GLY A 254 -1.27 -13.29 0.23
N ARG A 255 -1.22 -12.21 -0.54
CA ARG A 255 -1.25 -10.87 0.05
C ARG A 255 -2.62 -10.54 0.61
N PHE A 256 -3.70 -11.02 -0.02
CA PHE A 256 -5.05 -10.73 0.42
C PHE A 256 -5.86 -12.01 0.47
N TRP A 257 -6.68 -12.15 1.52
CA TRP A 257 -7.54 -13.31 1.70
C TRP A 257 -9.01 -12.99 1.41
N THR A 258 -9.27 -11.92 0.64
CA THR A 258 -10.65 -11.53 0.36
C THR A 258 -11.36 -12.56 -0.51
N ASN A 259 -10.63 -13.19 -1.43
CA ASN A 259 -11.21 -14.16 -2.34
C ASN A 259 -11.71 -15.39 -1.60
N LEU A 260 -11.26 -15.58 -0.36
CA LEU A 260 -11.72 -16.68 0.48
C LEU A 260 -13.01 -16.33 1.23
N TYR A 261 -13.62 -15.19 0.94
CA TYR A 261 -14.85 -14.83 1.65
C TYR A 261 -16.03 -15.74 1.33
N PRO A 262 -16.30 -16.12 0.07
CA PRO A 262 -17.43 -17.04 -0.16
C PRO A 262 -17.27 -18.39 0.52
N LEU A 263 -16.03 -18.80 0.82
CA LEU A 263 -15.80 -20.08 1.49
C LEU A 263 -15.73 -19.94 3.00
N THR A 264 -15.40 -18.75 3.51
CA THR A 264 -15.30 -18.51 4.94
C THR A 264 -16.36 -17.51 5.41
N VAL A 265 -17.50 -17.47 4.75
CA VAL A 265 -18.57 -16.54 5.14
C VAL A 265 -19.19 -17.01 6.44
N PRO A 266 -19.41 -16.12 7.42
CA PRO A 266 -20.04 -16.55 8.68
C PRO A 266 -21.47 -17.02 8.49
N PHE A 267 -22.28 -16.19 7.84
CA PHE A 267 -23.69 -16.51 7.58
C PHE A 267 -23.94 -16.32 6.08
N GLY A 268 -23.97 -17.43 5.35
CA GLY A 268 -24.20 -17.37 3.92
C GLY A 268 -25.64 -17.12 3.53
N GLN A 269 -26.57 -17.25 4.48
CA GLN A 269 -27.97 -17.04 4.19
C GLN A 269 -28.34 -15.56 4.03
N LYS A 270 -27.52 -14.66 4.57
CA LYS A 270 -27.84 -13.25 4.43
C LYS A 270 -26.95 -12.60 3.39
N PRO A 271 -27.53 -11.86 2.44
CA PRO A 271 -26.71 -11.22 1.40
C PRO A 271 -26.04 -9.96 1.91
N ASN A 272 -24.86 -9.68 1.36
CA ASN A 272 -24.12 -8.49 1.73
C ASN A 272 -24.80 -7.23 1.19
N ILE A 273 -24.38 -6.08 1.71
CA ILE A 273 -24.96 -4.81 1.28
C ILE A 273 -24.51 -4.50 -0.14
N ASP A 274 -25.46 -4.39 -1.05
CA ASP A 274 -25.18 -4.08 -2.44
C ASP A 274 -25.88 -2.78 -2.80
N VAL A 275 -25.11 -1.83 -3.34
CA VAL A 275 -25.61 -0.49 -3.64
C VAL A 275 -25.78 -0.26 -5.14
N THR A 276 -25.03 -0.99 -5.98
CA THR A 276 -25.09 -0.74 -7.42
C THR A 276 -26.48 -0.93 -8.00
N ASP A 277 -27.29 -1.78 -7.38
CA ASP A 277 -28.66 -1.98 -7.88
C ASP A 277 -29.49 -0.72 -7.68
N ALA A 278 -29.45 -0.14 -6.47
CA ALA A 278 -30.18 1.10 -6.23
C ALA A 278 -29.63 2.25 -7.06
N MET A 279 -28.32 2.23 -7.35
CA MET A 279 -27.74 3.29 -8.17
C MET A 279 -28.20 3.17 -9.62
N LEU A 280 -28.30 1.94 -10.13
CA LEU A 280 -28.78 1.74 -11.49
C LEU A 280 -30.28 2.02 -11.58
N ASN A 281 -31.01 1.78 -10.49
CA ASN A 281 -32.45 2.06 -10.49
C ASN A 281 -32.72 3.55 -10.43
N GLN A 282 -31.93 4.29 -9.67
CA GLN A 282 -32.11 5.74 -9.52
C GLN A 282 -31.41 6.54 -10.62
N GLY A 283 -30.79 5.87 -11.59
CA GLY A 283 -30.10 6.56 -12.66
C GLY A 283 -28.87 7.31 -12.20
N TRP A 284 -27.89 6.59 -11.66
CA TRP A 284 -26.66 7.19 -11.18
C TRP A 284 -25.59 7.15 -12.26
N ASP A 285 -24.76 8.18 -12.28
CA ASP A 285 -23.63 8.26 -13.20
C ASP A 285 -22.37 8.63 -12.42
N ALA A 286 -21.26 8.78 -13.15
CA ALA A 286 -19.99 9.14 -12.50
C ALA A 286 -20.07 10.54 -11.89
N ASN A 287 -20.74 11.48 -12.56
CA ASN A 287 -20.88 12.82 -12.03
C ASN A 287 -21.65 12.82 -10.72
N ARG A 288 -22.70 12.00 -10.62
CA ARG A 288 -23.46 11.91 -9.38
C ARG A 288 -22.61 11.35 -8.26
N ILE A 289 -21.81 10.32 -8.55
CA ILE A 289 -20.94 9.73 -7.54
C ILE A 289 -19.92 10.76 -7.03
N PHE A 290 -19.31 11.50 -7.96
CA PHE A 290 -18.31 12.49 -7.57
C PHE A 290 -18.95 13.66 -6.81
N LYS A 291 -20.16 14.07 -7.18
CA LYS A 291 -20.83 15.12 -6.44
C LYS A 291 -21.20 14.66 -5.04
N GLU A 292 -21.64 13.40 -4.90
CA GLU A 292 -21.94 12.86 -3.57
C GLU A 292 -20.69 12.79 -2.71
N ALA A 293 -19.55 12.39 -3.32
CA ALA A 293 -18.30 12.35 -2.58
C ALA A 293 -17.87 13.75 -2.15
N GLU A 294 -18.02 14.73 -3.05
CA GLU A 294 -17.66 16.11 -2.70
C GLU A 294 -18.56 16.63 -1.58
N LYS A 295 -19.85 16.28 -1.61
CA LYS A 295 -20.75 16.70 -0.54
C LYS A 295 -20.38 16.06 0.78
N PHE A 296 -20.04 14.76 0.76
CA PHE A 296 -19.61 14.09 1.99
C PHE A 296 -18.35 14.72 2.54
N PHE A 297 -17.42 15.11 1.66
CA PHE A 297 -16.17 15.70 2.12
C PHE A 297 -16.37 17.11 2.64
N VAL A 298 -17.23 17.90 2.00
CA VAL A 298 -17.48 19.26 2.46
C VAL A 298 -18.34 19.27 3.73
N SER A 299 -19.09 18.21 3.98
CA SER A 299 -19.83 18.12 5.25
C SER A 299 -18.90 17.88 6.44
N VAL A 300 -17.62 17.62 6.19
CA VAL A 300 -16.65 17.40 7.25
C VAL A 300 -15.75 18.63 7.26
N SER A 301 -16.30 19.76 6.82
CA SER A 301 -15.64 21.06 6.79
C SER A 301 -14.40 21.08 5.91
N LEU A 302 -14.29 20.17 4.95
CA LEU A 302 -13.14 20.18 4.05
C LEU A 302 -13.47 21.00 2.80
N PRO A 303 -12.47 21.61 2.17
CA PRO A 303 -12.74 22.42 0.97
C PRO A 303 -13.29 21.57 -0.17
N LYS A 304 -13.95 22.25 -1.10
CA LYS A 304 -14.59 21.59 -2.23
C LYS A 304 -13.63 21.48 -3.41
N MET A 305 -14.07 20.78 -4.45
CA MET A 305 -13.27 20.59 -5.64
C MET A 305 -13.31 21.83 -6.52
N THR A 306 -12.17 22.16 -7.12
CA THR A 306 -12.10 23.33 -7.99
C THR A 306 -12.62 22.99 -9.39
N GLU A 307 -12.88 24.03 -10.18
CA GLU A 307 -13.37 23.84 -11.53
C GLU A 307 -12.32 23.18 -12.43
N GLY A 308 -11.03 23.41 -12.14
CA GLY A 308 -9.99 22.74 -12.91
C GLY A 308 -10.03 21.25 -12.75
N PHE A 309 -10.29 20.76 -11.53
CA PHE A 309 -10.44 19.32 -11.32
C PHE A 309 -11.65 18.77 -12.07
N TRP A 310 -12.70 19.56 -12.22
CA TRP A 310 -13.90 19.09 -12.89
C TRP A 310 -13.74 19.06 -14.41
N ASN A 311 -13.05 20.05 -14.98
CA ASN A 311 -12.92 20.13 -16.43
C ASN A 311 -11.58 19.65 -16.96
N LYS A 312 -10.70 19.12 -16.10
CA LYS A 312 -9.41 18.62 -16.55
C LYS A 312 -9.17 17.15 -16.23
N SER A 313 -9.81 16.59 -15.21
CA SER A 313 -9.61 15.19 -14.87
C SER A 313 -10.37 14.30 -15.86
N MET A 314 -10.04 13.01 -15.82
CA MET A 314 -10.66 12.00 -16.68
C MET A 314 -11.47 11.07 -15.78
N LEU A 315 -12.74 11.44 -15.54
CA LEU A 315 -13.61 10.65 -14.69
C LEU A 315 -14.30 9.52 -15.44
N THR A 316 -14.37 9.58 -16.77
CA THR A 316 -15.00 8.55 -17.56
C THR A 316 -14.11 8.19 -18.74
N GLU A 317 -14.27 6.97 -19.23
CA GLU A 317 -13.54 6.51 -20.40
C GLU A 317 -14.03 7.26 -21.63
N PRO A 318 -13.18 8.06 -22.29
CA PRO A 318 -13.63 8.81 -23.47
C PRO A 318 -14.05 7.89 -24.62
N GLY A 319 -13.15 7.00 -25.03
CA GLY A 319 -13.45 6.03 -26.05
C GLY A 319 -13.65 6.61 -27.45
N ASP A 320 -13.53 5.75 -28.46
CA ASP A 320 -13.84 6.07 -29.86
C ASP A 320 -12.81 7.01 -30.46
N GLY A 321 -11.91 7.55 -29.63
CA GLY A 321 -10.87 8.43 -30.12
C GLY A 321 -9.56 8.32 -29.38
N ARG A 322 -9.47 7.37 -28.45
CA ARG A 322 -8.28 7.22 -27.61
C ARG A 322 -8.26 5.83 -27.00
N LYS A 323 -7.05 5.36 -26.71
CA LYS A 323 -6.83 4.09 -26.02
C LYS A 323 -5.96 4.33 -24.81
N VAL A 324 -6.47 3.98 -23.63
CA VAL A 324 -5.79 4.24 -22.37
C VAL A 324 -5.86 3.00 -21.48
N VAL A 325 -4.89 2.89 -20.58
CA VAL A 325 -4.89 1.90 -19.52
C VAL A 325 -5.19 2.66 -18.24
N CYS A 326 -6.46 2.66 -17.82
CA CYS A 326 -6.93 3.51 -16.74
C CYS A 326 -6.98 2.71 -15.44
N HIS A 327 -6.16 3.13 -14.48
CA HIS A 327 -6.06 2.73 -13.09
C HIS A 327 -6.29 3.93 -12.19
N PRO A 328 -6.99 3.76 -11.05
CA PRO A 328 -7.32 4.92 -10.21
C PRO A 328 -6.08 5.59 -9.62
N THR A 329 -5.78 6.80 -10.09
CA THR A 329 -4.65 7.57 -9.59
C THR A 329 -5.09 9.01 -9.35
N ALA A 330 -4.77 9.54 -8.18
CA ALA A 330 -5.02 10.94 -7.85
C ALA A 330 -3.75 11.72 -8.17
N TRP A 331 -3.70 12.33 -9.34
CA TRP A 331 -2.49 12.99 -9.82
C TRP A 331 -2.49 14.46 -9.40
N ASP A 332 -1.31 14.94 -9.03
CA ASP A 332 -1.09 16.34 -8.66
C ASP A 332 -0.11 16.93 -9.67
N LEU A 333 -0.62 17.72 -10.61
CA LEU A 333 0.20 18.30 -11.67
C LEU A 333 0.97 19.52 -11.23
N GLY A 334 0.77 19.99 -10.00
CA GLY A 334 1.46 21.17 -9.51
C GLY A 334 0.75 22.45 -9.92
N LYS A 335 1.17 23.54 -9.28
CA LYS A 335 0.61 24.87 -9.52
C LYS A 335 -0.90 24.90 -9.29
N GLY A 336 -1.36 24.14 -8.30
CA GLY A 336 -2.77 24.09 -7.98
C GLY A 336 -3.62 23.30 -8.94
N ASP A 337 -3.07 22.22 -9.52
CA ASP A 337 -3.79 21.37 -10.45
C ASP A 337 -3.85 19.96 -9.86
N PHE A 338 -5.07 19.47 -9.63
CA PHE A 338 -5.29 18.15 -9.06
C PHE A 338 -6.36 17.44 -9.88
N ARG A 339 -6.01 16.28 -10.44
CA ARG A 339 -6.91 15.52 -11.28
C ARG A 339 -6.99 14.09 -10.79
N ILE A 340 -7.97 13.36 -11.32
CA ILE A 340 -8.18 11.96 -10.96
C ILE A 340 -8.37 11.15 -12.23
N LYS A 341 -7.49 10.19 -12.47
CA LYS A 341 -7.61 9.30 -13.62
C LYS A 341 -8.15 7.97 -13.14
N MET A 342 -9.38 7.64 -13.53
CA MET A 342 -10.01 6.40 -13.11
C MET A 342 -11.24 6.15 -13.96
N CYS A 343 -11.39 4.91 -14.43
CA CYS A 343 -12.58 4.50 -15.18
C CYS A 343 -13.64 4.03 -14.19
N THR A 344 -14.26 4.99 -13.52
CA THR A 344 -15.24 4.67 -12.49
C THR A 344 -16.53 4.17 -13.11
N LYS A 345 -16.99 3.00 -12.66
CA LYS A 345 -18.25 2.41 -13.09
C LYS A 345 -19.32 2.66 -12.04
N VAL A 346 -20.55 2.32 -12.39
CA VAL A 346 -21.70 2.50 -11.50
C VAL A 346 -21.79 1.23 -10.64
N THR A 347 -20.96 1.18 -9.60
CA THR A 347 -20.92 0.06 -8.67
C THR A 347 -20.70 0.59 -7.26
N MET A 348 -20.40 -0.33 -6.34
CA MET A 348 -20.09 0.05 -4.97
C MET A 348 -18.59 0.11 -4.73
N GLU A 349 -17.83 -0.82 -5.31
CA GLU A 349 -16.38 -0.77 -5.20
C GLU A 349 -15.83 0.51 -5.84
N ASP A 350 -16.36 0.88 -7.01
CA ASP A 350 -15.98 2.15 -7.61
C ASP A 350 -16.49 3.33 -6.80
N PHE A 351 -17.64 3.18 -6.15
CA PHE A 351 -18.16 4.24 -5.28
C PHE A 351 -17.21 4.50 -4.12
N LEU A 352 -16.59 3.45 -3.58
CA LEU A 352 -15.62 3.63 -2.51
C LEU A 352 -14.27 4.09 -3.02
N THR A 353 -13.86 3.62 -4.21
CA THR A 353 -12.60 4.06 -4.78
C THR A 353 -12.63 5.54 -5.14
N ALA A 354 -13.81 6.04 -5.52
CA ALA A 354 -13.95 7.48 -5.78
C ALA A 354 -13.70 8.29 -4.52
N HIS A 355 -14.24 7.83 -3.38
CA HIS A 355 -13.98 8.51 -2.12
C HIS A 355 -12.52 8.39 -1.71
N HIS A 356 -11.90 7.24 -1.98
CA HIS A 356 -10.48 7.08 -1.72
C HIS A 356 -9.65 8.09 -2.51
N GLU A 357 -9.94 8.21 -3.81
CA GLU A 357 -9.21 9.16 -4.65
C GLU A 357 -9.50 10.61 -4.23
N MET A 358 -10.72 10.91 -3.81
CA MET A 358 -11.02 12.25 -3.34
C MET A 358 -10.29 12.57 -2.04
N GLY A 359 -10.16 11.59 -1.15
CA GLY A 359 -9.35 11.79 0.05
C GLY A 359 -7.88 12.00 -0.28
N HIS A 360 -7.37 11.25 -1.25
CA HIS A 360 -6.00 11.48 -1.71
C HIS A 360 -5.83 12.88 -2.26
N ILE A 361 -6.81 13.35 -3.04
CA ILE A 361 -6.74 14.69 -3.62
C ILE A 361 -6.79 15.74 -2.53
N GLN A 362 -7.65 15.54 -1.52
CA GLN A 362 -7.72 16.48 -0.40
C GLN A 362 -6.42 16.52 0.37
N TYR A 363 -5.79 15.36 0.57
CA TYR A 363 -4.49 15.32 1.25
C TYR A 363 -3.42 16.05 0.44
N ASP A 364 -3.44 15.88 -0.88
CA ASP A 364 -2.49 16.59 -1.73
C ASP A 364 -2.75 18.10 -1.69
N MET A 365 -4.01 18.50 -1.59
CA MET A 365 -4.33 19.92 -1.53
C MET A 365 -4.03 20.51 -0.16
N ALA A 366 -3.91 19.66 0.87
CA ALA A 366 -3.65 20.16 2.21
C ALA A 366 -2.30 20.87 2.29
N TYR A 367 -1.26 20.27 1.73
CA TYR A 367 0.07 20.86 1.75
C TYR A 367 0.42 21.59 0.45
N ALA A 368 -0.57 22.20 -0.20
CA ALA A 368 -0.32 22.90 -1.45
C ALA A 368 0.54 24.14 -1.27
N SER A 369 0.64 24.68 -0.05
CA SER A 369 1.47 25.84 0.22
C SER A 369 2.86 25.49 0.72
N GLN A 370 3.11 24.21 1.04
CA GLN A 370 4.42 23.79 1.50
C GLN A 370 5.41 23.80 0.34
N PRO A 371 6.72 23.86 0.64
CA PRO A 371 7.71 23.79 -0.44
C PRO A 371 7.63 22.47 -1.18
N TYR A 372 8.22 22.46 -2.38
CA TYR A 372 8.13 21.27 -3.25
C TYR A 372 8.73 20.05 -2.58
N LEU A 373 9.81 20.22 -1.82
CA LEU A 373 10.42 19.09 -1.13
C LEU A 373 9.55 18.60 0.03
N LEU A 374 8.68 19.46 0.55
CA LEU A 374 7.78 19.11 1.66
C LEU A 374 6.34 18.92 1.20
N ARG A 375 6.12 18.74 -0.11
CA ARG A 375 4.78 18.53 -0.65
C ARG A 375 4.52 17.03 -0.73
N ASN A 376 4.57 16.38 0.43
CA ASN A 376 4.34 14.95 0.52
C ASN A 376 4.02 14.61 1.98
N GLY A 377 3.63 13.37 2.22
CA GLY A 377 3.33 12.93 3.56
C GLY A 377 4.59 12.83 4.41
N ALA A 378 4.38 12.83 5.73
CA ALA A 378 5.50 12.72 6.66
C ALA A 378 6.22 11.38 6.48
N ASN A 379 5.48 10.31 6.24
CA ASN A 379 6.03 9.01 5.92
C ASN A 379 5.26 8.41 4.75
N GLU A 380 5.65 7.21 4.33
CA GLU A 380 5.02 6.54 3.21
C GLU A 380 3.76 5.78 3.60
N GLY A 381 3.19 6.05 4.77
CA GLY A 381 2.02 5.33 5.23
C GLY A 381 0.83 6.20 5.55
N PHE A 382 0.95 7.51 5.32
CA PHE A 382 -0.15 8.43 5.61
C PHE A 382 -1.10 8.63 4.44
N HIS A 383 -0.60 8.59 3.21
CA HIS A 383 -1.46 8.78 2.05
C HIS A 383 -2.56 7.73 1.99
N GLU A 384 -2.17 6.45 2.01
CA GLU A 384 -3.15 5.38 1.92
C GLU A 384 -4.03 5.33 3.16
N ALA A 385 -3.51 5.70 4.32
CA ALA A 385 -4.33 5.73 5.53
C ALA A 385 -5.42 6.79 5.43
N VAL A 386 -5.07 7.99 4.96
CA VAL A 386 -6.05 9.04 4.78
C VAL A 386 -7.05 8.66 3.69
N GLY A 387 -6.58 7.93 2.67
CA GLY A 387 -7.49 7.47 1.64
C GLY A 387 -8.45 6.40 2.13
N GLU A 388 -8.01 5.58 3.08
CA GLU A 388 -8.81 4.46 3.54
C GLU A 388 -9.76 4.83 4.68
N VAL A 389 -9.42 5.84 5.48
CA VAL A 389 -10.32 6.22 6.57
C VAL A 389 -11.63 6.78 6.01
N MET A 390 -11.56 7.49 4.87
CA MET A 390 -12.78 8.00 4.25
C MET A 390 -13.66 6.85 3.75
N SER A 391 -13.03 5.85 3.14
CA SER A 391 -13.80 4.68 2.68
C SER A 391 -14.41 3.94 3.86
N LEU A 392 -13.69 3.86 4.98
CA LEU A 392 -14.23 3.22 6.18
C LEU A 392 -15.43 3.98 6.71
N SER A 393 -15.34 5.31 6.76
CA SER A 393 -16.45 6.13 7.24
C SER A 393 -17.63 6.13 6.28
N VAL A 394 -17.39 5.91 4.99
CA VAL A 394 -18.47 5.92 4.01
C VAL A 394 -19.18 4.57 3.92
N ALA A 395 -18.43 3.47 3.99
CA ALA A 395 -19.00 2.13 3.82
C ALA A 395 -19.97 1.72 4.92
N THR A 396 -20.23 2.55 5.93
CA THR A 396 -21.18 2.19 6.98
C THR A 396 -22.61 2.29 6.44
N PRO A 397 -23.52 1.44 6.93
CA PRO A 397 -24.90 1.49 6.43
C PRO A 397 -25.62 2.80 6.73
N LYS A 398 -25.18 3.53 7.76
CA LYS A 398 -25.83 4.79 8.09
C LYS A 398 -25.64 5.82 6.98
N HIS A 399 -24.43 5.88 6.42
CA HIS A 399 -24.17 6.81 5.33
C HIS A 399 -24.96 6.44 4.08
N LEU A 400 -25.19 5.14 3.86
CA LEU A 400 -25.97 4.71 2.72
C LEU A 400 -27.47 4.90 2.95
N LYS A 401 -27.91 4.96 4.21
CA LYS A 401 -29.32 5.13 4.52
C LYS A 401 -29.74 6.60 4.56
N THR A 402 -28.98 7.45 5.26
CA THR A 402 -29.34 8.85 5.40
C THR A 402 -28.97 9.70 4.18
N MET A 403 -28.52 9.08 3.08
CA MET A 403 -28.18 9.81 1.87
C MET A 403 -29.00 9.36 0.67
N GLY A 404 -29.80 8.31 0.81
CA GLY A 404 -30.67 7.88 -0.27
C GLY A 404 -30.12 6.78 -1.14
N LEU A 405 -29.44 5.79 -0.57
CA LEU A 405 -28.93 4.66 -1.31
C LEU A 405 -29.44 3.32 -0.82
N LEU A 406 -29.79 3.20 0.46
CA LEU A 406 -30.29 1.96 1.04
C LEU A 406 -31.69 2.19 1.61
N SER A 407 -32.48 1.12 1.60
CA SER A 407 -33.83 1.21 2.13
C SER A 407 -33.80 1.39 3.65
N PRO A 408 -34.66 2.24 4.20
CA PRO A 408 -34.67 2.44 5.67
C PRO A 408 -35.14 1.23 6.45
N ASP A 409 -35.73 0.23 5.80
CA ASP A 409 -36.23 -0.96 6.47
C ASP A 409 -35.20 -2.09 6.52
N PHE A 410 -33.91 -1.74 6.45
CA PHE A 410 -32.84 -2.74 6.51
C PHE A 410 -32.42 -2.93 7.96
N ARG A 411 -32.79 -4.07 8.54
CA ARG A 411 -32.45 -4.37 9.92
C ARG A 411 -30.98 -4.70 10.04
N GLU A 412 -30.30 -4.05 11.00
CA GLU A 412 -28.87 -4.25 11.22
C GLU A 412 -28.68 -5.12 12.45
N ASP A 413 -28.71 -6.43 12.24
CA ASP A 413 -28.46 -7.38 13.30
C ASP A 413 -26.98 -7.77 13.35
N ASP A 414 -26.62 -8.56 14.37
CA ASP A 414 -25.23 -8.93 14.57
C ASP A 414 -24.68 -9.83 13.47
N GLU A 415 -25.55 -10.50 12.70
CA GLU A 415 -25.07 -11.34 11.61
C GLU A 415 -24.35 -10.53 10.55
N THR A 416 -25.00 -9.45 10.07
CA THR A 416 -24.36 -8.59 9.09
C THR A 416 -23.12 -7.90 9.65
N GLU A 417 -23.13 -7.57 10.95
CA GLU A 417 -21.96 -6.97 11.56
C GLU A 417 -20.78 -7.94 11.55
N ILE A 418 -21.02 -9.19 11.92
CA ILE A 418 -19.96 -10.20 11.90
C ILE A 418 -19.47 -10.44 10.47
N ASN A 419 -20.41 -10.45 9.51
CA ASN A 419 -20.02 -10.63 8.11
C ASN A 419 -19.12 -9.50 7.64
N PHE A 420 -19.49 -8.26 7.94
CA PHE A 420 -18.68 -7.12 7.53
C PHE A 420 -17.33 -7.13 8.22
N LEU A 421 -17.29 -7.49 9.51
CA LEU A 421 -16.03 -7.55 10.23
C LEU A 421 -15.10 -8.61 9.64
N LEU A 422 -15.65 -9.77 9.29
CA LEU A 422 -14.83 -10.82 8.68
C LEU A 422 -14.36 -10.42 7.30
N LYS A 423 -15.23 -9.75 6.52
CA LYS A 423 -14.81 -9.28 5.21
C LYS A 423 -13.70 -8.24 5.31
N GLN A 424 -13.75 -7.39 6.34
CA GLN A 424 -12.68 -6.41 6.52
C GLN A 424 -11.40 -7.08 7.03
N ALA A 425 -11.52 -8.10 7.86
CA ALA A 425 -10.34 -8.79 8.38
C ALA A 425 -9.64 -9.61 7.31
N LEU A 426 -10.40 -10.16 6.36
CA LEU A 426 -9.79 -10.96 5.30
C LEU A 426 -8.92 -10.12 4.38
N ASN A 427 -9.08 -8.79 4.44
CA ASN A 427 -8.31 -7.89 3.58
C ASN A 427 -7.27 -7.09 4.37
N ILE A 428 -7.59 -6.73 5.61
CA ILE A 428 -6.72 -5.85 6.38
C ILE A 428 -5.82 -6.65 7.31
N VAL A 429 -6.35 -7.69 7.94
CA VAL A 429 -5.59 -8.48 8.90
C VAL A 429 -4.73 -9.53 8.19
N GLY A 430 -5.23 -10.11 7.11
CA GLY A 430 -4.51 -11.17 6.41
C GLY A 430 -3.26 -10.72 5.69
N THR A 431 -3.04 -9.40 5.55
CA THR A 431 -1.87 -8.89 4.85
C THR A 431 -0.75 -8.45 5.79
N LEU A 432 -1.06 -8.23 7.07
CA LEU A 432 -0.04 -7.72 7.99
C LEU A 432 1.09 -8.71 8.21
N PRO A 433 0.86 -9.98 8.55
CA PRO A 433 2.00 -10.89 8.73
C PRO A 433 2.77 -11.12 7.44
N PHE A 434 2.07 -11.16 6.30
CA PHE A 434 2.76 -11.32 5.02
C PHE A 434 3.70 -10.16 4.74
N THR A 435 3.20 -8.93 4.90
CA THR A 435 4.04 -7.75 4.69
C THR A 435 5.20 -7.73 5.68
N TYR A 436 4.92 -8.06 6.94
CA TYR A 436 5.98 -8.05 7.96
C TYR A 436 7.08 -9.04 7.61
N MET A 437 6.71 -10.27 7.28
CA MET A 437 7.72 -11.28 6.96
C MET A 437 8.48 -10.94 5.69
N LEU A 438 7.79 -10.38 4.68
CA LEU A 438 8.48 -10.00 3.46
C LEU A 438 9.51 -8.90 3.73
N GLU A 439 9.11 -7.87 4.47
CA GLU A 439 10.04 -6.78 4.78
C GLU A 439 11.19 -7.26 5.66
N LYS A 440 10.90 -8.15 6.62
CA LYS A 440 11.96 -8.66 7.48
C LYS A 440 12.94 -9.53 6.70
N TRP A 441 12.44 -10.36 5.80
CA TRP A 441 13.32 -11.16 4.95
C TRP A 441 14.18 -10.29 4.06
N ARG A 442 13.59 -9.25 3.47
CA ARG A 442 14.37 -8.35 2.63
C ARG A 442 15.42 -7.61 3.44
N TRP A 443 15.08 -7.16 4.64
CA TRP A 443 16.04 -6.47 5.49
C TRP A 443 17.19 -7.40 5.89
N MET A 444 16.87 -8.65 6.24
CA MET A 444 17.92 -9.60 6.63
C MET A 444 18.78 -9.99 5.44
N VAL A 445 18.21 -10.03 4.24
CA VAL A 445 19.01 -10.29 3.05
C VAL A 445 19.93 -9.13 2.75
N PHE A 446 19.42 -7.90 2.90
CA PHE A 446 20.28 -6.73 2.71
C PHE A 446 21.40 -6.68 3.74
N LYS A 447 21.10 -7.05 4.99
CA LYS A 447 22.10 -6.98 6.05
C LYS A 447 23.17 -8.06 5.94
N GLY A 448 22.90 -9.14 5.21
CA GLY A 448 23.87 -10.20 5.03
C GLY A 448 23.78 -11.34 6.02
N GLU A 449 22.80 -11.33 6.93
CA GLU A 449 22.65 -12.42 7.88
C GLU A 449 22.14 -13.71 7.23
N ILE A 450 21.68 -13.64 5.99
CA ILE A 450 21.22 -14.82 5.26
C ILE A 450 22.13 -15.05 4.06
N PRO A 451 23.02 -16.04 4.10
CA PRO A 451 23.84 -16.33 2.92
C PRO A 451 22.98 -16.77 1.75
N LYS A 452 23.53 -16.55 0.54
CA LYS A 452 22.79 -16.88 -0.68
C LYS A 452 22.40 -18.35 -0.72
N GLU A 453 23.34 -19.24 -0.41
CA GLU A 453 23.12 -20.68 -0.47
C GLU A 453 22.08 -21.14 0.56
N GLU A 454 21.55 -20.20 1.34
CA GLU A 454 20.49 -20.50 2.29
C GLU A 454 19.31 -19.54 2.20
N TRP A 455 19.28 -18.65 1.21
CA TRP A 455 18.21 -17.65 1.08
C TRP A 455 16.83 -18.29 1.18
N MET A 456 16.51 -19.18 0.23
CA MET A 456 15.22 -19.86 0.28
C MET A 456 15.07 -20.67 1.57
N LYS A 457 16.18 -21.22 2.08
CA LYS A 457 16.13 -21.97 3.33
C LYS A 457 15.58 -21.13 4.47
N LYS A 458 15.70 -19.81 4.38
CA LYS A 458 15.08 -18.93 5.36
C LYS A 458 13.71 -18.44 4.91
N TRP A 459 13.50 -18.29 3.61
CA TRP A 459 12.25 -17.70 3.11
C TRP A 459 11.05 -18.55 3.52
N TRP A 460 11.18 -19.87 3.43
CA TRP A 460 10.11 -20.76 3.84
C TRP A 460 10.10 -21.02 5.34
N GLU A 461 11.12 -20.56 6.08
CA GLU A 461 11.11 -20.72 7.52
C GLU A 461 10.19 -19.69 8.18
N MET A 462 10.42 -18.41 7.88
CA MET A 462 9.57 -17.35 8.43
C MET A 462 8.13 -17.52 7.97
N LYS A 463 7.92 -18.08 6.77
CA LYS A 463 6.57 -18.35 6.30
C LYS A 463 5.82 -19.26 7.27
N ARG A 464 6.54 -20.17 7.93
CA ARG A 464 5.90 -21.04 8.92
C ARG A 464 5.83 -20.39 10.28
N GLU A 465 6.66 -19.36 10.53
CA GLU A 465 6.74 -18.75 11.85
C GLU A 465 5.90 -17.48 11.93
N ILE A 466 6.13 -16.53 11.03
CA ILE A 466 5.42 -15.26 11.08
C ILE A 466 4.00 -15.41 10.56
N VAL A 467 3.86 -15.90 9.33
CA VAL A 467 2.54 -16.05 8.71
C VAL A 467 1.87 -17.37 9.09
N GLY A 468 2.59 -18.48 9.08
CA GLY A 468 2.00 -19.76 9.39
C GLY A 468 1.47 -20.51 8.19
N VAL A 469 2.08 -20.32 7.03
CA VAL A 469 1.69 -21.02 5.81
C VAL A 469 2.89 -21.84 5.34
N VAL A 470 2.62 -23.04 4.85
CA VAL A 470 3.65 -23.95 4.38
C VAL A 470 3.59 -24.02 2.86
N GLU A 471 4.76 -24.15 2.23
CA GLU A 471 4.81 -24.26 0.78
C GLU A 471 4.25 -25.60 0.32
N PRO A 472 3.61 -25.65 -0.85
CA PRO A 472 3.06 -26.92 -1.32
C PRO A 472 4.12 -27.87 -1.85
N VAL A 473 5.20 -27.36 -2.45
CA VAL A 473 6.27 -28.20 -2.96
C VAL A 473 7.61 -27.64 -2.47
N PRO A 474 8.60 -28.51 -2.22
CA PRO A 474 9.90 -28.00 -1.77
C PRO A 474 10.63 -27.29 -2.90
N HIS A 475 11.34 -26.21 -2.54
CA HIS A 475 12.07 -25.39 -3.49
C HIS A 475 13.54 -25.35 -3.09
N ASP A 476 14.42 -25.64 -4.03
CA ASP A 476 15.85 -25.62 -3.78
C ASP A 476 16.37 -24.18 -3.84
N GLU A 477 17.70 -24.02 -3.86
CA GLU A 477 18.33 -22.71 -3.87
C GLU A 477 18.37 -22.08 -5.25
N THR A 478 17.68 -22.64 -6.24
CA THR A 478 17.61 -22.04 -7.56
C THR A 478 16.39 -21.16 -7.74
N TYR A 479 15.39 -21.30 -6.86
CA TYR A 479 14.19 -20.49 -6.93
C TYR A 479 14.42 -19.13 -6.27
N CYS A 480 13.64 -18.14 -6.70
CA CYS A 480 13.67 -16.81 -6.13
C CYS A 480 12.23 -16.33 -5.91
N ASP A 481 11.43 -17.20 -5.27
CA ASP A 481 10.00 -17.00 -5.01
C ASP A 481 9.64 -15.60 -4.51
N PRO A 482 10.39 -15.00 -3.58
CA PRO A 482 10.03 -13.63 -3.15
C PRO A 482 10.00 -12.63 -4.28
N ALA A 483 10.84 -12.82 -5.31
CA ALA A 483 10.84 -11.90 -6.44
C ALA A 483 9.61 -12.07 -7.35
N SER A 484 8.76 -13.06 -7.08
CA SER A 484 7.56 -13.25 -7.88
C SER A 484 6.52 -12.16 -7.65
N LEU A 485 6.70 -11.31 -6.66
CA LEU A 485 5.78 -10.22 -6.39
C LEU A 485 6.18 -8.99 -7.20
N PHE A 486 5.18 -8.17 -7.52
CA PHE A 486 5.42 -6.97 -8.33
C PHE A 486 6.26 -5.96 -7.56
N HIS A 487 5.90 -5.71 -6.30
CA HIS A 487 6.60 -4.69 -5.52
C HIS A 487 8.01 -5.11 -5.17
N VAL A 488 8.29 -6.42 -5.16
CA VAL A 488 9.62 -6.89 -4.76
C VAL A 488 10.64 -6.59 -5.85
N ALA A 489 10.43 -7.12 -7.06
CA ALA A 489 11.36 -6.93 -8.16
C ALA A 489 11.00 -5.70 -8.99
N ASN A 490 10.80 -4.57 -8.31
CA ASN A 490 10.56 -3.31 -9.02
C ASN A 490 11.22 -2.12 -8.31
N ASP A 491 12.11 -2.34 -7.35
CA ASP A 491 12.70 -1.28 -6.54
C ASP A 491 11.61 -0.47 -5.83
N TYR A 492 10.71 -1.20 -5.17
CA TYR A 492 9.58 -0.62 -4.46
C TYR A 492 9.56 -1.16 -3.03
N SER A 493 9.41 -0.26 -2.07
CA SER A 493 9.33 -0.67 -0.67
C SER A 493 8.00 -1.35 -0.40
N PHE A 494 7.98 -2.17 0.66
CA PHE A 494 6.77 -2.89 1.05
C PHE A 494 6.27 -2.56 2.44
N ILE A 495 7.08 -1.93 3.29
CA ILE A 495 6.63 -1.58 4.64
C ILE A 495 5.58 -0.47 4.63
N ARG A 496 5.46 0.27 3.52
CA ARG A 496 4.44 1.32 3.44
C ARG A 496 3.04 0.74 3.54
N TYR A 497 2.86 -0.52 3.13
CA TYR A 497 1.56 -1.18 3.25
C TYR A 497 1.32 -1.73 4.65
N TYR A 498 2.32 -1.71 5.52
CA TYR A 498 2.17 -2.20 6.90
C TYR A 498 1.77 -1.07 7.84
N THR A 499 2.63 -0.04 7.94
CA THR A 499 2.41 1.04 8.90
C THR A 499 1.08 1.74 8.66
N ARG A 500 0.67 1.84 7.39
CA ARG A 500 -0.62 2.46 7.08
C ARG A 500 -1.75 1.78 7.84
N THR A 501 -1.71 0.45 7.93
CA THR A 501 -2.75 -0.28 8.65
C THR A 501 -2.81 0.16 10.10
N ILE A 502 -1.67 0.46 10.70
CA ILE A 502 -1.66 1.02 12.04
C ILE A 502 -2.04 2.49 12.01
N PHE A 503 -1.58 3.22 10.99
CA PHE A 503 -1.87 4.64 10.90
C PHE A 503 -3.30 4.94 10.47
N GLU A 504 -4.01 3.97 9.89
CA GLU A 504 -5.38 4.19 9.48
C GLU A 504 -6.34 4.06 10.65
N PHE A 505 -6.37 2.89 11.29
CA PHE A 505 -7.31 2.65 12.38
C PHE A 505 -7.05 3.56 13.56
N GLN A 506 -5.82 4.05 13.72
CA GLN A 506 -5.54 5.03 14.77
C GLN A 506 -6.27 6.34 14.48
N PHE A 507 -6.29 6.77 13.22
CA PHE A 507 -6.91 8.04 12.88
C PHE A 507 -8.43 7.96 13.03
N HIS A 508 -9.05 6.95 12.41
CA HIS A 508 -10.50 6.81 12.38
C HIS A 508 -11.11 6.93 13.77
N GLU A 509 -10.71 6.03 14.68
CA GLU A 509 -11.22 6.07 16.05
C GLU A 509 -10.97 7.43 16.68
N ALA A 510 -9.80 8.02 16.42
CA ALA A 510 -9.52 9.36 16.93
C ALA A 510 -10.58 10.35 16.48
N LEU A 511 -10.92 10.31 15.18
CA LEU A 511 -12.01 11.14 14.69
C LEU A 511 -13.31 10.80 15.38
N CYS A 512 -13.57 9.50 15.60
CA CYS A 512 -14.75 9.08 16.34
C CYS A 512 -14.71 9.54 17.78
N ARG A 513 -13.52 9.85 18.31
CA ARG A 513 -13.43 10.42 19.65
C ARG A 513 -13.81 11.89 19.66
N ILE A 514 -13.72 12.56 18.52
CA ILE A 514 -14.07 13.97 18.45
C ILE A 514 -15.53 14.15 18.05
N ALA A 515 -16.02 13.29 17.15
CA ALA A 515 -17.41 13.38 16.70
C ALA A 515 -18.41 12.87 17.72
N GLN A 516 -17.96 12.52 18.94
CA GLN A 516 -18.85 12.05 20.02
C GLN A 516 -19.61 10.80 19.60
N HIS A 517 -18.93 9.90 18.90
CA HIS A 517 -19.56 8.66 18.48
C HIS A 517 -19.72 7.72 19.67
N ASN A 518 -20.87 7.04 19.73
CA ASN A 518 -21.19 6.12 20.81
C ASN A 518 -21.58 4.77 20.23
N GLY A 519 -21.08 3.71 20.84
CA GLY A 519 -21.37 2.37 20.40
C GLY A 519 -20.15 1.68 19.79
N PRO A 520 -20.40 0.74 18.87
CA PRO A 520 -19.28 0.06 18.22
C PRO A 520 -18.49 0.99 17.33
N LEU A 521 -17.28 0.55 16.98
CA LEU A 521 -16.40 1.33 16.13
C LEU A 521 -16.66 1.14 14.65
N HIS A 522 -17.20 0.00 14.25
CA HIS A 522 -17.52 -0.27 12.86
C HIS A 522 -18.81 0.41 12.40
N LYS A 523 -19.49 1.13 13.30
CA LYS A 523 -20.68 1.90 12.96
C LYS A 523 -20.44 3.40 13.07
N CYS A 524 -19.17 3.82 13.04
CA CYS A 524 -18.85 5.23 13.20
C CYS A 524 -19.15 6.01 11.92
N ASP A 525 -19.24 7.33 12.06
CA ASP A 525 -19.52 8.20 10.92
C ASP A 525 -18.89 9.56 11.21
N ILE A 526 -18.05 10.03 10.29
CA ILE A 526 -17.33 11.29 10.48
C ILE A 526 -18.09 12.41 9.78
N SER A 527 -19.06 12.05 8.94
CA SER A 527 -19.85 13.04 8.23
C SER A 527 -20.68 13.87 9.20
N ASN A 528 -20.99 15.09 8.78
CA ASN A 528 -21.75 16.05 9.57
C ASN A 528 -21.06 16.32 10.91
N SER A 529 -19.79 16.69 10.82
CA SER A 529 -18.98 16.96 12.01
C SER A 529 -17.90 17.96 11.64
N THR A 530 -17.97 19.15 12.24
CA THR A 530 -16.99 20.20 11.97
C THR A 530 -15.78 20.13 12.90
N ASP A 531 -15.95 19.68 14.14
CA ASP A 531 -14.84 19.63 15.07
C ASP A 531 -13.79 18.62 14.62
N ALA A 532 -14.21 17.42 14.21
CA ALA A 532 -13.27 16.43 13.73
C ALA A 532 -12.64 16.85 12.41
N GLY A 533 -13.40 17.53 11.55
CA GLY A 533 -12.85 17.98 10.29
C GLY A 533 -11.75 19.00 10.46
N LYS A 534 -11.88 19.87 11.46
CA LYS A 534 -10.84 20.86 11.71
C LYS A 534 -9.54 20.20 12.13
N LYS A 535 -9.61 19.24 13.06
CA LYS A 535 -8.41 18.51 13.46
C LYS A 535 -7.82 17.72 12.31
N LEU A 536 -8.68 17.10 11.49
CA LEU A 536 -8.19 16.37 10.33
C LEU A 536 -7.45 17.28 9.36
N HIS A 537 -8.02 18.44 9.06
CA HIS A 537 -7.36 19.37 8.15
C HIS A 537 -6.06 19.90 8.74
N GLN A 538 -6.04 20.18 10.04
CA GLN A 538 -4.82 20.67 10.67
C GLN A 538 -3.73 19.60 10.66
N MET A 539 -4.13 18.33 10.76
CA MET A 539 -3.13 17.25 10.71
C MET A 539 -2.66 17.01 9.28
N LEU A 540 -3.54 17.21 8.29
CA LEU A 540 -3.15 16.96 6.90
C LEU A 540 -2.34 18.10 6.32
N SER A 541 -2.54 19.33 6.80
CA SER A 541 -1.89 20.49 6.20
C SER A 541 -0.41 20.58 6.53
N VAL A 542 0.08 19.83 7.52
CA VAL A 542 1.48 19.93 7.90
C VAL A 542 2.41 19.31 6.86
N GLY A 543 1.91 18.37 6.05
CA GLY A 543 2.71 17.76 5.02
C GLY A 543 3.92 17.00 5.56
N LYS A 544 5.12 17.53 5.27
CA LYS A 544 6.35 16.91 5.73
C LYS A 544 7.25 17.90 6.48
N SER A 545 6.74 19.08 6.82
CA SER A 545 7.54 20.07 7.52
C SER A 545 7.83 19.68 8.97
N GLN A 546 7.10 18.72 9.52
CA GLN A 546 7.30 18.25 10.87
C GLN A 546 7.52 16.75 10.89
N ALA A 547 8.04 16.26 12.01
CA ALA A 547 8.27 14.82 12.17
C ALA A 547 6.94 14.07 12.18
N TRP A 548 6.97 12.82 11.73
CA TRP A 548 5.75 12.01 11.70
C TRP A 548 5.23 11.70 13.10
N THR A 549 6.12 11.61 14.09
CA THR A 549 5.66 11.37 15.45
C THR A 549 4.86 12.55 15.98
N LYS A 550 5.32 13.78 15.69
CA LYS A 550 4.57 14.96 16.11
C LYS A 550 3.22 15.04 15.40
N THR A 551 3.19 14.75 14.10
CA THR A 551 1.93 14.75 13.36
C THR A 551 0.98 13.69 13.90
N LEU A 552 1.52 12.54 14.32
CA LEU A 552 0.68 11.48 14.86
C LEU A 552 0.13 11.86 16.23
N GLU A 553 0.97 12.42 17.10
CA GLU A 553 0.50 12.78 18.44
C GLU A 553 -0.41 14.00 18.41
N ASP A 554 -0.34 14.81 17.36
CA ASP A 554 -1.27 15.93 17.22
C ASP A 554 -2.64 15.48 16.72
N ILE A 555 -2.84 14.18 16.48
CA ILE A 555 -4.11 13.65 15.97
C ILE A 555 -4.68 12.59 16.91
N VAL A 556 -3.85 11.65 17.35
CA VAL A 556 -4.30 10.54 18.18
C VAL A 556 -3.76 10.64 19.61
N ASP A 557 -3.14 11.76 19.96
CA ASP A 557 -2.56 12.00 21.28
C ASP A 557 -1.49 10.97 21.66
N SER A 558 -0.88 10.31 20.67
CA SER A 558 0.16 9.32 20.91
C SER A 558 1.28 9.52 19.90
N ARG A 559 2.51 9.65 20.40
CA ARG A 559 3.68 9.87 19.57
C ARG A 559 4.43 8.58 19.27
N ASN A 560 3.72 7.45 19.18
CA ASN A 560 4.34 6.17 18.90
C ASN A 560 3.36 5.28 18.16
N MET A 561 3.90 4.27 17.49
CA MET A 561 3.08 3.32 16.75
C MET A 561 2.32 2.42 17.72
N ASP A 562 0.99 2.47 17.66
CA ASP A 562 0.14 1.69 18.55
C ASP A 562 -0.95 1.01 17.73
N VAL A 563 -1.07 -0.31 17.88
CA VAL A 563 -2.08 -1.09 17.19
C VAL A 563 -3.34 -1.26 18.04
N GLY A 564 -3.40 -0.60 19.19
CA GLY A 564 -4.55 -0.65 20.07
C GLY A 564 -5.88 -0.38 19.40
N PRO A 565 -5.97 0.71 18.63
CA PRO A 565 -7.22 0.97 17.89
C PRO A 565 -7.68 -0.17 17.01
N LEU A 566 -6.76 -0.91 16.38
CA LEU A 566 -7.17 -2.05 15.56
C LEU A 566 -7.84 -3.13 16.41
N LEU A 567 -7.26 -3.41 17.58
CA LEU A 567 -7.87 -4.39 18.48
C LEU A 567 -9.21 -3.91 18.99
N ARG A 568 -9.32 -2.61 19.30
CA ARG A 568 -10.60 -2.07 19.77
C ARG A 568 -11.65 -2.13 18.66
N TYR A 569 -11.22 -2.02 17.41
CA TYR A 569 -12.14 -2.11 16.28
C TYR A 569 -12.61 -3.55 16.08
N PHE A 570 -11.68 -4.50 16.13
CA PHE A 570 -11.99 -5.89 15.85
C PHE A 570 -12.38 -6.69 17.08
N LYS A 571 -12.55 -6.03 18.23
CA LYS A 571 -13.02 -6.72 19.42
C LYS A 571 -14.31 -7.52 19.23
N PRO A 572 -15.36 -7.03 18.56
CA PRO A 572 -16.52 -7.91 18.31
C PRO A 572 -16.16 -9.15 17.51
N LEU A 573 -15.44 -8.99 16.41
CA LEU A 573 -14.99 -10.14 15.64
C LEU A 573 -14.03 -11.00 16.44
N TYR A 574 -13.22 -10.40 17.31
CA TYR A 574 -12.32 -11.18 18.16
C TYR A 574 -13.09 -12.08 19.10
N THR A 575 -14.12 -11.54 19.75
CA THR A 575 -14.94 -12.37 20.65
C THR A 575 -15.71 -13.42 19.88
N TRP A 576 -16.20 -13.07 18.68
CA TRP A 576 -16.91 -14.05 17.86
C TRP A 576 -16.00 -15.21 17.47
N LEU A 577 -14.76 -14.91 17.08
CA LEU A 577 -13.82 -15.96 16.72
C LEU A 577 -13.41 -16.78 17.93
N GLN A 578 -13.27 -16.13 19.10
CA GLN A 578 -12.95 -16.88 20.32
C GLN A 578 -14.07 -17.83 20.69
N GLU A 579 -15.33 -17.40 20.49
CA GLU A 579 -16.45 -18.28 20.78
C GLU A 579 -16.57 -19.40 19.75
N GLN A 580 -16.23 -19.12 18.49
CA GLN A 580 -16.35 -20.13 17.45
C GLN A 580 -15.23 -21.17 17.52
N ASN A 581 -14.05 -20.78 17.99
CA ASN A 581 -12.90 -21.67 18.07
C ASN A 581 -12.89 -22.53 19.33
N ARG A 582 -14.04 -22.68 19.99
CA ARG A 582 -14.10 -23.51 21.19
C ARG A 582 -13.92 -24.99 20.87
N LYS A 583 -14.09 -25.39 19.61
CA LYS A 583 -13.92 -26.79 19.19
C LYS A 583 -12.82 -26.93 18.15
N SER A 584 -11.88 -25.99 18.09
CA SER A 584 -10.79 -26.03 17.13
C SER A 584 -9.50 -25.61 17.82
N TYR A 585 -8.39 -26.12 17.29
CA TYR A 585 -7.07 -25.81 17.86
C TYR A 585 -6.55 -24.50 17.28
N VAL A 586 -6.17 -23.58 18.16
CA VAL A 586 -5.62 -22.29 17.76
C VAL A 586 -4.11 -22.41 17.65
N GLY A 587 -3.57 -22.14 16.47
CA GLY A 587 -2.16 -22.23 16.21
C GLY A 587 -1.85 -23.13 15.03
N TRP A 588 -0.57 -23.12 14.65
CA TRP A 588 -0.08 -23.90 13.52
C TRP A 588 1.22 -24.57 13.89
N ASN A 589 1.45 -25.76 13.32
CA ASN A 589 2.66 -26.54 13.58
C ASN A 589 3.70 -26.18 12.53
N THR A 590 4.87 -25.74 12.99
CA THR A 590 5.95 -25.35 12.09
C THR A 590 6.60 -26.55 11.40
N ASP A 591 6.44 -27.76 11.95
CA ASP A 591 7.11 -28.92 11.38
C ASP A 591 6.25 -29.66 10.36
N TRP A 592 4.95 -29.38 10.30
CA TRP A 592 4.07 -30.09 9.38
C TRP A 592 4.32 -29.64 7.94
N SER A 593 4.24 -30.60 7.02
CA SER A 593 4.43 -30.34 5.61
C SER A 593 3.40 -31.13 4.80
N PRO A 594 2.89 -30.56 3.71
CA PRO A 594 1.88 -31.30 2.92
C PRO A 594 2.45 -32.47 2.16
N TYR A 595 3.69 -32.37 1.68
CA TYR A 595 4.33 -33.44 0.92
C TYR A 595 5.02 -34.46 1.82
N ALA A 596 4.89 -34.34 3.14
CA ALA A 596 5.51 -35.24 4.09
C ALA A 596 7.02 -35.36 3.87
C1 NAG B . -26.20 15.63 7.49
C2 NAG B . -26.80 14.37 6.88
C3 NAG B . -27.82 14.74 5.81
C4 NAG B . -28.86 15.70 6.37
C5 NAG B . -28.18 16.92 7.00
C6 NAG B . -29.15 17.85 7.69
C7 NAG B . -25.48 12.30 6.83
C8 NAG B . -24.39 11.55 6.14
N2 NAG B . -25.77 13.51 6.32
O3 NAG B . -28.46 13.56 5.33
O4 NAG B . -29.74 16.15 5.33
O5 NAG B . -27.25 16.48 8.01
O6 NAG B . -29.20 17.61 9.08
O7 NAG B . -26.08 11.84 7.80
C1 NAG B . -31.05 15.76 5.22
C2 NAG B . -31.69 16.89 4.41
C3 NAG B . -33.20 16.84 4.54
C4 NAG B . -33.73 15.45 4.18
C5 NAG B . -33.00 14.39 4.99
C6 NAG B . -33.38 12.98 4.59
C7 NAG B . -30.39 18.94 4.08
C8 NAG B . -29.95 20.24 4.66
N2 NAG B . -31.17 18.18 4.83
O3 NAG B . -33.79 17.82 3.70
O4 NAG B . -35.12 15.38 4.44
O5 NAG B . -31.59 14.50 4.79
O6 NAG B . -32.53 12.01 5.19
O7 NAG B . -30.04 18.59 2.94
C1 NAG C . -3.96 12.35 -28.91
C2 NAG C . -4.50 13.75 -29.22
C3 NAG C . -4.85 13.86 -30.69
C4 NAG C . -3.68 13.45 -31.57
C5 NAG C . -3.18 12.06 -31.17
C6 NAG C . -1.94 11.64 -31.91
C7 NAG C . -5.67 15.12 -27.56
C8 NAG C . -6.93 15.30 -26.77
N2 NAG C . -5.64 14.07 -28.38
O3 NAG C . -5.24 15.20 -30.98
O4 NAG C . -4.07 13.43 -32.94
O5 NAG C . -2.85 12.06 -29.76
O6 NAG C . -0.92 11.23 -31.02
O7 NAG C . -4.73 15.89 -27.46
C1 NAG D . 13.16 28.74 9.00
C2 NAG D . 12.75 29.75 10.07
C3 NAG D . 11.31 30.19 9.85
C4 NAG D . 11.12 30.70 8.44
C5 NAG D . 11.60 29.66 7.43
C6 NAG D . 11.56 30.15 6.00
C7 NAG D . 13.82 29.65 12.29
C8 NAG D . 13.85 28.95 13.62
N2 NAG D . 12.91 29.19 11.41
O3 NAG D . 10.97 31.21 10.79
O4 NAG D . 9.75 30.99 8.19
O5 NAG D . 12.96 29.31 7.70
O6 NAG D . 12.75 29.82 5.30
O7 NAG D . 14.58 30.57 12.02
ZN ZN E . -4.68 5.55 -2.56
C1 NAG F . -14.28 22.93 -20.24
C2 NAG F . -15.25 24.11 -20.41
C3 NAG F . -15.74 24.20 -21.86
C4 NAG F . -14.55 24.24 -22.81
C5 NAG F . -13.61 23.06 -22.55
C6 NAG F . -12.35 23.10 -23.38
C7 NAG F . -16.54 24.78 -18.43
C8 NAG F . -17.75 24.52 -17.60
N2 NAG F . -16.37 24.00 -19.50
O3 NAG F . -16.53 25.37 -22.02
O4 NAG F . -15.00 24.17 -24.16
O5 NAG F . -13.20 23.07 -21.18
O6 NAG F . -11.67 21.86 -23.35
O7 NAG F . -15.73 25.66 -18.15
#